data_4EEY
#
_entry.id   4EEY
#
_cell.length_a   98.500
_cell.length_b   98.500
_cell.length_c   82.603
_cell.angle_alpha   90.00
_cell.angle_beta   90.00
_cell.angle_gamma   120.00
#
_symmetry.space_group_name_H-M   'P 61'
#
loop_
_entity.id
_entity.type
_entity.pdbx_description
1 polymer 'DNA polymerase eta'
2 polymer "5'-D(*CP*TP*TP*GP*GP*TP*CP*TP*CP*CP*TP*CP*C)-3'"
3 polymer "5'-D(*TP*GP*GP*AP*GP*GP*AP*GP*A)-3'"
4 non-polymer "2'-DEOXYCYTIDINE-5'-TRIPHOSPHATE"
5 non-polymer 'MAGNESIUM ION'
6 non-polymer Cisplatin
7 water water
#
loop_
_entity_poly.entity_id
_entity_poly.type
_entity_poly.pdbx_seq_one_letter_code
_entity_poly.pdbx_strand_id
1 'polypeptide(L)'
;GPHMATGQDRVVALVDMDCFFVQVEQRQNPHLRNKPCAVVQYKSWKGGGIIAVSYEARAFGVTRSMWADDAKKLCPDLLL
AQVRESRGKANLTKYREASVEVMEIMSRFAVIERASIDEAYVDLTSAVQERLQKLQGQPISADLLPSTYIEGLPQGPTTA
EETVQKEGMRKQGLFQWLDSLQIDNLTSPDLQLTVGAVIVEEMRAAIERETGFQCSAGISHNKVLAKLACGLNKPNRQTL
VSHGSVPQLFSQMPIRKIRSLGGKLGASVIEILGIEYMGELTQFTESQLQSHFGEKNGSWLYAMCRGIEHDPVKPRQLPK
TIGCSKNFPGKTALATREQVQWWLLQLAQELEERLTKDRNDNDRVATQLVVSIRVQGDKRLSSLRRCCALTRYDAHKMSH
DAFTVIKNMNTSGIQTEWSPPLTMLFLCATKFSAS
;
A
2 'polydeoxyribonucleotide' (DC)(DT)(DT)(DG)(DG)(DT)(DC)(DT)(DC)(DC)(DT)(DC)(DC) T
3 'polydeoxyribonucleotide' (DT)(DG)(DG)(DA)(DG)(DG)(DA)(DG)(DA) P
#
loop_
_chem_comp.id
_chem_comp.type
_chem_comp.name
_chem_comp.formula
CPT non-polymer Cisplatin 'Cl2 H6 N2 Pt'
DA DNA linking 2'-DEOXYADENOSINE-5'-MONOPHOSPHATE 'C10 H14 N5 O6 P'
DC DNA linking 2'-DEOXYCYTIDINE-5'-MONOPHOSPHATE 'C9 H14 N3 O7 P'
DCP non-polymer 2'-DEOXYCYTIDINE-5'-TRIPHOSPHATE 'C9 H16 N3 O13 P3'
DG DNA linking 2'-DEOXYGUANOSINE-5'-MONOPHOSPHATE 'C10 H14 N5 O7 P'
DT DNA linking THYMIDINE-5'-MONOPHOSPHATE 'C10 H15 N2 O8 P'
MG non-polymer 'MAGNESIUM ION' 'Mg 2'
#
# COMPACT_ATOMS: atom_id res chain seq x y z
N ALA A 5 24.08 16.64 -6.03
CA ALA A 5 23.59 15.23 -6.15
C ALA A 5 22.35 15.16 -7.03
N THR A 6 22.24 14.11 -7.82
CA THR A 6 21.15 13.97 -8.79
C THR A 6 20.13 12.95 -8.30
N GLY A 7 20.34 12.43 -7.10
CA GLY A 7 19.47 11.39 -6.53
C GLY A 7 19.43 10.12 -7.36
N GLN A 8 20.58 9.74 -7.92
CA GLN A 8 20.67 8.58 -8.80
C GLN A 8 21.54 7.45 -8.22
N ASP A 9 21.77 7.53 -6.91
CA ASP A 9 22.61 6.57 -6.20
C ASP A 9 21.98 5.17 -6.05
N ARG A 10 20.66 5.09 -6.01
CA ARG A 10 19.97 3.81 -5.78
C ARG A 10 19.09 3.37 -6.93
N VAL A 11 18.81 2.07 -6.97
CA VAL A 11 17.69 1.55 -7.74
C VAL A 11 16.67 1.01 -6.74
N VAL A 12 15.45 1.55 -6.80
CA VAL A 12 14.37 1.18 -5.90
C VAL A 12 13.12 0.76 -6.68
N ALA A 13 12.50 -0.32 -6.25
CA ALA A 13 11.23 -0.75 -6.84
C ALA A 13 10.13 -0.79 -5.79
N LEU A 14 8.90 -0.62 -6.26
CA LEU A 14 7.71 -0.78 -5.44
C LEU A 14 6.79 -1.74 -6.21
N VAL A 15 6.51 -2.88 -5.60
CA VAL A 15 5.66 -3.89 -6.20
C VAL A 15 4.29 -3.84 -5.51
N ASP A 16 3.23 -3.75 -6.32
CA ASP A 16 1.89 -3.56 -5.77
C ASP A 16 0.88 -4.53 -6.41
N MET A 17 0.24 -5.33 -5.58
CA MET A 17 -0.72 -6.32 -6.09
C MET A 17 -1.95 -5.63 -6.67
N ASP A 18 -2.40 -6.14 -7.82
CA ASP A 18 -3.57 -5.61 -8.50
C ASP A 18 -4.81 -6.08 -7.74
N CYS A 19 -5.77 -5.17 -7.56
CA CYS A 19 -7.03 -5.46 -6.87
C CYS A 19 -6.89 -6.64 -5.90
N PHE A 20 -6.09 -6.45 -4.86
CA PHE A 20 -5.56 -7.57 -4.08
C PHE A 20 -6.57 -8.53 -3.47
N PHE A 21 -7.50 -8.02 -2.66
CA PHE A 21 -8.49 -8.87 -2.01
C PHE A 21 -9.31 -9.63 -3.04
N VAL A 22 -9.65 -8.95 -4.15
CA VAL A 22 -10.34 -9.59 -5.28
C VAL A 22 -9.57 -10.80 -5.84
N GLN A 23 -8.28 -10.62 -6.14
CA GLN A 23 -7.46 -11.74 -6.66
C GLN A 23 -7.39 -12.92 -5.69
N VAL A 24 -7.39 -12.65 -4.39
CA VAL A 24 -7.37 -13.70 -3.39
C VAL A 24 -8.64 -14.53 -3.47
N GLU A 25 -9.77 -13.83 -3.66
CA GLU A 25 -11.05 -14.50 -3.77
C GLU A 25 -11.22 -15.20 -5.13
N GLN A 26 -10.64 -14.61 -6.19
CA GLN A 26 -10.67 -15.19 -7.54
C GLN A 26 -9.82 -16.45 -7.69
N ARG A 27 -8.67 -16.50 -7.02
CA ARG A 27 -7.87 -17.73 -6.99
C ARG A 27 -8.68 -18.89 -6.40
N GLN A 28 -9.31 -18.62 -5.26
CA GLN A 28 -10.08 -19.62 -4.52
C GLN A 28 -11.34 -20.04 -5.28
N ASN A 29 -11.96 -19.06 -5.94
CA ASN A 29 -13.20 -19.31 -6.68
C ASN A 29 -13.06 -18.94 -8.16
N PRO A 30 -12.75 -19.94 -9.00
CA PRO A 30 -12.50 -19.77 -10.44
C PRO A 30 -13.67 -19.11 -11.20
N HIS A 31 -14.89 -19.24 -10.68
CA HIS A 31 -16.06 -18.62 -11.27
C HIS A 31 -16.00 -17.09 -11.29
N LEU A 32 -15.19 -16.49 -10.42
CA LEU A 32 -15.04 -15.04 -10.35
C LEU A 32 -13.95 -14.49 -11.27
N ARG A 33 -13.11 -15.38 -11.79
CA ARG A 33 -11.98 -14.99 -12.65
C ARG A 33 -12.44 -14.31 -13.94
N ASN A 34 -11.74 -13.24 -14.30
CA ASN A 34 -11.98 -12.50 -15.55
C ASN A 34 -13.41 -11.99 -15.70
N LYS A 35 -14.01 -11.59 -14.58
CA LYS A 35 -15.36 -11.05 -14.56
C LYS A 35 -15.40 -9.81 -13.66
N PRO A 36 -16.43 -8.95 -13.84
CA PRO A 36 -16.63 -7.85 -12.90
C PRO A 36 -17.03 -8.38 -11.53
N CYS A 37 -16.20 -8.11 -10.54
CA CYS A 37 -16.48 -8.59 -9.19
C CYS A 37 -15.85 -7.72 -8.12
N ALA A 38 -16.41 -7.80 -6.92
CA ALA A 38 -15.99 -6.98 -5.80
C ALA A 38 -15.96 -7.79 -4.51
N VAL A 39 -15.17 -7.32 -3.55
CA VAL A 39 -15.14 -7.91 -2.21
C VAL A 39 -15.93 -6.97 -1.28
N VAL A 40 -16.90 -7.55 -0.60
CA VAL A 40 -17.79 -6.82 0.31
C VAL A 40 -17.67 -7.35 1.74
N GLN A 41 -17.94 -6.46 2.70
CA GLN A 41 -18.15 -6.86 4.10
C GLN A 41 -19.51 -6.40 4.63
N TYR A 42 -20.15 -7.30 5.37
CA TYR A 42 -21.42 -7.04 6.05
C TYR A 42 -22.60 -6.96 5.08
N LYS A 43 -22.89 -8.11 4.47
CA LYS A 43 -23.93 -8.26 3.45
C LYS A 43 -25.34 -7.73 3.79
N SER A 44 -25.72 -7.74 5.07
CA SER A 44 -27.08 -7.34 5.48
C SER A 44 -27.39 -5.84 5.37
N TRP A 45 -26.36 -5.00 5.29
CA TRP A 45 -26.58 -3.56 5.12
C TRP A 45 -26.26 -3.10 3.70
N LYS A 46 -27.31 -2.92 2.91
CA LYS A 46 -27.23 -2.40 1.53
C LYS A 46 -26.35 -3.26 0.62
N GLY A 47 -26.34 -4.57 0.88
CA GLY A 47 -25.60 -5.55 0.10
C GLY A 47 -24.14 -5.68 0.47
N GLY A 48 -23.69 -4.88 1.44
CA GLY A 48 -22.29 -4.87 1.85
C GLY A 48 -21.50 -3.67 1.33
N GLY A 49 -20.53 -3.22 2.13
CA GLY A 49 -19.61 -2.18 1.72
C GLY A 49 -18.49 -2.80 0.90
N ILE A 50 -18.28 -2.28 -0.30
CA ILE A 50 -17.20 -2.74 -1.18
C ILE A 50 -15.81 -2.30 -0.68
N ILE A 51 -14.88 -3.24 -0.57
CA ILE A 51 -13.52 -2.90 -0.15
C ILE A 51 -12.43 -3.12 -1.20
N ALA A 52 -12.77 -3.85 -2.28
CA ALA A 52 -11.88 -4.09 -3.42
C ALA A 52 -12.70 -4.39 -4.68
N VAL A 53 -12.18 -3.96 -5.83
CA VAL A 53 -12.95 -3.97 -7.08
C VAL A 53 -12.08 -4.46 -8.24
N SER A 54 -12.54 -5.49 -8.96
CA SER A 54 -11.84 -5.95 -10.17
C SER A 54 -11.80 -4.88 -11.25
N TYR A 55 -10.78 -4.95 -12.10
CA TYR A 55 -10.66 -4.01 -13.22
C TYR A 55 -11.85 -4.07 -14.20
N GLU A 56 -12.38 -5.28 -14.41
CA GLU A 56 -13.62 -5.45 -15.20
C GLU A 56 -14.79 -4.67 -14.59
N ALA A 57 -14.82 -4.59 -13.27
CA ALA A 57 -15.89 -3.86 -12.58
C ALA A 57 -15.67 -2.34 -12.54
N ARG A 58 -14.40 -1.93 -12.52
CA ARG A 58 -14.04 -0.50 -12.55
C ARG A 58 -14.50 0.19 -13.84
N ALA A 59 -14.45 -0.54 -14.95
CA ALA A 59 -14.90 -0.05 -16.25
C ALA A 59 -16.38 0.38 -16.25
N PHE A 60 -17.14 -0.13 -15.28
CA PHE A 60 -18.54 0.24 -15.10
C PHE A 60 -18.73 1.39 -14.10
N GLY A 61 -17.63 1.82 -13.48
CA GLY A 61 -17.67 2.94 -12.53
C GLY A 61 -17.78 2.51 -11.08
N VAL A 62 -17.59 1.22 -10.81
CA VAL A 62 -17.64 0.69 -9.43
C VAL A 62 -16.36 1.07 -8.68
N THR A 63 -16.53 1.67 -7.50
CA THR A 63 -15.41 2.12 -6.66
C THR A 63 -15.53 1.57 -5.23
N ARG A 64 -14.43 1.63 -4.49
CA ARG A 64 -14.41 1.30 -3.06
C ARG A 64 -15.38 2.17 -2.25
N SER A 65 -16.06 1.53 -1.29
CA SER A 65 -16.97 2.20 -0.36
C SER A 65 -18.38 2.41 -0.91
N MET A 66 -18.60 2.10 -2.19
CA MET A 66 -19.95 1.96 -2.72
C MET A 66 -20.62 0.82 -1.98
N TRP A 67 -21.88 1.02 -1.58
CA TRP A 67 -22.73 -0.07 -1.15
C TRP A 67 -22.99 -0.98 -2.35
N ALA A 68 -22.97 -2.29 -2.13
CA ALA A 68 -23.12 -3.25 -3.23
C ALA A 68 -24.46 -3.11 -3.97
N ASP A 69 -25.51 -2.71 -3.24
CA ASP A 69 -26.80 -2.40 -3.86
C ASP A 69 -26.66 -1.29 -4.91
N ASP A 70 -25.81 -0.30 -4.61
CA ASP A 70 -25.62 0.84 -5.51
C ASP A 70 -24.75 0.42 -6.70
N ALA A 71 -23.72 -0.36 -6.41
CA ALA A 71 -22.82 -0.91 -7.43
C ALA A 71 -23.56 -1.78 -8.46
N LYS A 72 -24.54 -2.56 -8.00
CA LYS A 72 -25.42 -3.34 -8.88
C LYS A 72 -26.24 -2.49 -9.88
N LYS A 73 -26.47 -1.22 -9.54
CA LYS A 73 -27.17 -0.29 -10.44
C LYS A 73 -26.27 0.08 -11.61
N LEU A 74 -24.98 0.20 -11.34
CA LEU A 74 -24.00 0.54 -12.37
C LEU A 74 -23.57 -0.69 -13.15
N CYS A 75 -23.54 -1.83 -12.46
CA CYS A 75 -23.04 -3.09 -13.04
C CYS A 75 -23.93 -4.26 -12.61
N PRO A 76 -24.99 -4.54 -13.38
CA PRO A 76 -25.99 -5.54 -12.99
C PRO A 76 -25.43 -6.96 -12.83
N ASP A 77 -24.39 -7.29 -13.59
CA ASP A 77 -23.80 -8.64 -13.54
C ASP A 77 -22.66 -8.79 -12.53
N LEU A 78 -22.40 -7.73 -11.77
CA LEU A 78 -21.33 -7.70 -10.77
C LEU A 78 -21.40 -8.89 -9.84
N LEU A 79 -20.30 -9.62 -9.73
CA LEU A 79 -20.21 -10.74 -8.80
C LEU A 79 -19.53 -10.31 -7.52
N LEU A 80 -19.80 -11.04 -6.44
CA LEU A 80 -19.36 -10.62 -5.11
C LEU A 80 -18.81 -11.76 -4.28
N ALA A 81 -17.74 -11.48 -3.55
CA ALA A 81 -17.22 -12.40 -2.57
C ALA A 81 -17.28 -11.67 -1.24
N GLN A 82 -17.56 -12.41 -0.18
CA GLN A 82 -17.75 -11.84 1.16
C GLN A 82 -16.56 -12.11 2.04
N VAL A 83 -16.17 -11.10 2.81
CA VAL A 83 -15.16 -11.26 3.84
C VAL A 83 -15.69 -12.24 4.90
N ARG A 84 -14.86 -13.20 5.28
CA ARG A 84 -15.16 -14.10 6.37
C ARG A 84 -15.56 -13.28 7.60
N GLU A 85 -16.59 -13.76 8.27
CA GLU A 85 -17.05 -13.17 9.50
C GLU A 85 -16.80 -14.17 10.62
N SER A 86 -16.25 -13.69 11.72
CA SER A 86 -15.93 -14.53 12.85
C SER A 86 -16.01 -13.75 14.14
N ARG A 87 -16.58 -14.38 15.18
CA ARG A 87 -16.78 -13.74 16.49
C ARG A 87 -17.50 -12.40 16.37
N GLY A 88 -18.48 -12.35 15.47
CA GLY A 88 -19.32 -11.17 15.28
C GLY A 88 -18.72 -10.07 14.44
N LYS A 89 -17.62 -10.36 13.73
CA LYS A 89 -16.99 -9.33 12.91
C LYS A 89 -16.18 -9.82 11.71
N ALA A 90 -15.97 -8.90 10.76
CA ALA A 90 -15.13 -9.14 9.59
C ALA A 90 -13.75 -9.63 10.00
N ASN A 91 -13.28 -10.69 9.32
CA ASN A 91 -11.99 -11.30 9.63
C ASN A 91 -11.09 -11.33 8.40
N LEU A 92 -9.94 -10.69 8.49
CA LEU A 92 -9.08 -10.51 7.31
C LEU A 92 -7.91 -11.51 7.23
N THR A 93 -8.00 -12.61 7.97
CA THR A 93 -6.95 -13.64 8.00
C THR A 93 -6.49 -14.08 6.61
N LYS A 94 -7.44 -14.42 5.75
CA LYS A 94 -7.16 -14.93 4.40
C LYS A 94 -6.21 -14.01 3.63
N TYR A 95 -6.45 -12.70 3.75
CA TYR A 95 -5.68 -11.71 3.02
C TYR A 95 -4.31 -11.48 3.61
N ARG A 96 -4.21 -11.56 4.93
CA ARG A 96 -2.92 -11.47 5.63
C ARG A 96 -2.03 -12.68 5.31
N GLU A 97 -2.64 -13.87 5.24
CA GLU A 97 -1.90 -15.08 4.87
C GLU A 97 -1.50 -15.07 3.40
N ALA A 98 -2.35 -14.52 2.55
CA ALA A 98 -2.03 -14.38 1.14
C ALA A 98 -0.89 -13.36 0.96
N SER A 99 -0.89 -12.32 1.79
CA SER A 99 0.18 -11.34 1.84
C SER A 99 1.54 -12.00 2.15
N VAL A 100 1.55 -12.88 3.14
CA VAL A 100 2.76 -13.62 3.53
C VAL A 100 3.36 -14.37 2.33
N GLU A 101 2.54 -15.06 1.56
CA GLU A 101 3.00 -15.73 0.34
C GLU A 101 3.82 -14.81 -0.55
N VAL A 102 3.30 -13.62 -0.81
CA VAL A 102 3.88 -12.66 -1.74
C VAL A 102 5.18 -12.06 -1.20
N MET A 103 5.16 -11.67 0.08
CA MET A 103 6.30 -11.06 0.74
C MET A 103 7.49 -12.03 0.78
N GLU A 104 7.21 -13.30 1.04
CA GLU A 104 8.25 -14.31 1.12
C GLU A 104 8.98 -14.53 -0.22
N ILE A 105 8.24 -14.60 -1.32
CA ILE A 105 8.83 -14.70 -2.66
C ILE A 105 9.75 -13.52 -2.97
N MET A 106 9.23 -12.31 -2.76
CA MET A 106 9.98 -11.08 -2.97
C MET A 106 11.26 -10.98 -2.13
N SER A 107 11.21 -11.51 -0.91
CA SER A 107 12.37 -11.42 -0.03
C SER A 107 13.50 -12.38 -0.42
N ARG A 108 13.26 -13.23 -1.42
CA ARG A 108 14.31 -14.09 -1.99
C ARG A 108 15.22 -13.29 -2.92
N PHE A 109 14.68 -12.21 -3.46
CA PHE A 109 15.38 -11.39 -4.44
C PHE A 109 16.21 -10.28 -3.80
N ALA A 110 15.65 -9.65 -2.78
CA ALA A 110 16.28 -8.50 -2.14
C ALA A 110 15.65 -8.20 -0.79
N VAL A 111 16.29 -7.31 -0.06
CA VAL A 111 15.72 -6.73 1.15
C VAL A 111 14.44 -5.97 0.81
N ILE A 112 13.35 -6.33 1.47
CA ILE A 112 12.09 -5.59 1.30
C ILE A 112 11.67 -4.79 2.53
N GLU A 113 11.01 -3.68 2.27
CA GLU A 113 10.22 -3.00 3.28
C GLU A 113 8.76 -3.25 2.95
N ARG A 114 8.10 -4.04 3.79
CA ARG A 114 6.65 -4.29 3.68
C ARG A 114 5.90 -3.03 4.10
N ALA A 115 5.42 -2.27 3.12
CA ALA A 115 4.78 -1.00 3.39
C ALA A 115 3.29 -1.14 3.72
N SER A 116 2.68 -2.20 3.22
CA SER A 116 1.25 -2.50 3.44
C SER A 116 0.99 -3.99 3.23
N ILE A 117 -0.29 -4.39 3.31
CA ILE A 117 -0.69 -5.78 3.05
C ILE A 117 -0.27 -6.28 1.66
N ASP A 118 -0.26 -5.39 0.67
CA ASP A 118 -0.08 -5.80 -0.73
C ASP A 118 0.98 -5.02 -1.50
N GLU A 119 1.87 -4.34 -0.79
CA GLU A 119 2.97 -3.65 -1.45
C GLU A 119 4.24 -3.72 -0.63
N ALA A 120 5.36 -3.83 -1.33
CA ALA A 120 6.66 -3.77 -0.68
C ALA A 120 7.57 -2.93 -1.54
N TYR A 121 8.42 -2.15 -0.89
CA TYR A 121 9.53 -1.48 -1.56
C TYR A 121 10.71 -2.42 -1.59
N VAL A 122 11.44 -2.37 -2.69
CA VAL A 122 12.59 -3.24 -2.90
C VAL A 122 13.82 -2.38 -3.16
N ASP A 123 14.88 -2.64 -2.41
CA ASP A 123 16.15 -1.96 -2.64
C ASP A 123 17.02 -2.84 -3.53
N LEU A 124 17.14 -2.48 -4.81
CA LEU A 124 17.78 -3.34 -5.80
C LEU A 124 19.22 -2.98 -6.19
N THR A 125 19.75 -1.90 -5.61
CA THR A 125 21.10 -1.41 -5.92
C THR A 125 22.16 -2.51 -6.02
N SER A 126 22.30 -3.31 -4.97
CA SER A 126 23.28 -4.42 -4.93
C SER A 126 23.01 -5.50 -5.98
N ALA A 127 21.77 -5.95 -6.07
CA ALA A 127 21.34 -6.93 -7.06
C ALA A 127 21.65 -6.47 -8.49
N VAL A 128 21.41 -5.18 -8.77
CA VAL A 128 21.75 -4.57 -10.05
C VAL A 128 23.26 -4.64 -10.31
N GLN A 129 24.07 -4.30 -9.31
CA GLN A 129 25.52 -4.32 -9.44
C GLN A 129 26.01 -5.71 -9.83
N GLU A 130 25.67 -6.70 -9.01
CA GLU A 130 26.04 -8.10 -9.25
C GLU A 130 25.64 -8.60 -10.64
N ARG A 131 24.43 -8.27 -11.06
CA ARG A 131 23.92 -8.66 -12.39
C ARG A 131 24.73 -8.02 -13.53
N LEU A 132 25.10 -6.75 -13.35
CA LEU A 132 25.94 -6.05 -14.32
C LEU A 132 27.33 -6.68 -14.50
N GLN A 133 27.84 -7.30 -13.42
CA GLN A 133 29.12 -8.02 -13.47
C GLN A 133 28.95 -9.42 -14.05
N LYS A 134 27.73 -9.95 -13.98
CA LYS A 134 27.40 -11.28 -14.51
C LYS A 134 27.22 -11.23 -16.03
N LEU A 135 26.50 -10.20 -16.50
CA LEU A 135 26.15 -10.05 -17.91
C LEU A 135 27.37 -10.04 -18.83
N GLN A 136 28.51 -9.60 -18.29
CA GLN A 136 29.77 -9.55 -19.04
C GLN A 136 29.77 -8.48 -20.13
N GLY A 137 29.01 -7.42 -19.92
CA GLY A 137 28.89 -6.33 -20.88
C GLY A 137 28.04 -6.68 -22.10
N GLN A 138 27.06 -7.56 -21.89
CA GLN A 138 26.17 -7.99 -22.97
C GLN A 138 25.00 -7.02 -23.14
N PRO A 139 24.49 -6.88 -24.38
CA PRO A 139 23.35 -5.99 -24.64
C PRO A 139 22.05 -6.49 -24.00
N ILE A 140 21.16 -5.57 -23.66
CA ILE A 140 19.89 -5.91 -23.04
C ILE A 140 18.78 -5.99 -24.09
N SER A 141 18.21 -7.18 -24.22
CA SER A 141 17.15 -7.46 -25.19
C SER A 141 15.80 -6.97 -24.69
N ALA A 142 14.92 -6.63 -25.63
CA ALA A 142 13.55 -6.20 -25.32
C ALA A 142 12.72 -7.34 -24.74
N ASP A 143 13.10 -8.56 -25.09
CA ASP A 143 12.43 -9.77 -24.62
C ASP A 143 12.61 -9.99 -23.11
N LEU A 144 13.61 -9.34 -22.52
CA LEU A 144 13.83 -9.39 -21.08
C LEU A 144 12.89 -8.45 -20.34
N LEU A 145 12.24 -7.56 -21.10
CA LEU A 145 11.34 -6.57 -20.52
C LEU A 145 9.93 -6.58 -21.13
N PRO A 146 9.25 -7.76 -21.13
CA PRO A 146 8.00 -7.89 -21.90
C PRO A 146 6.80 -7.09 -21.37
N SER A 147 6.87 -6.57 -20.15
CA SER A 147 5.74 -5.83 -19.58
C SER A 147 6.12 -4.44 -19.04
N THR A 148 7.27 -3.95 -19.51
CA THR A 148 7.82 -2.67 -19.05
C THR A 148 7.44 -1.50 -19.96
N TYR A 149 6.96 -0.43 -19.33
CA TYR A 149 6.75 0.87 -19.96
C TYR A 149 7.89 1.78 -19.58
N ILE A 150 8.37 2.58 -20.53
CA ILE A 150 9.33 3.64 -20.22
C ILE A 150 8.61 4.98 -20.23
N GLU A 151 8.42 5.57 -19.05
CA GLU A 151 7.71 6.83 -18.93
C GLU A 151 8.40 7.95 -19.72
N GLY A 152 7.62 8.64 -20.55
CA GLY A 152 8.11 9.71 -21.40
C GLY A 152 8.36 9.29 -22.83
N LEU A 153 8.41 7.97 -23.06
CA LEU A 153 8.70 7.43 -24.39
C LEU A 153 7.52 6.62 -24.91
N PRO A 154 7.32 6.56 -26.24
CA PRO A 154 8.15 7.11 -27.32
C PRO A 154 7.95 8.61 -27.53
N GLN A 155 9.00 9.25 -28.04
CA GLN A 155 8.95 10.66 -28.45
C GLN A 155 9.24 10.76 -29.94
N GLY A 156 8.97 11.93 -30.52
CA GLY A 156 9.32 12.21 -31.92
C GLY A 156 8.52 11.41 -32.95
N PRO A 157 8.97 11.46 -34.22
CA PRO A 157 8.35 10.76 -35.36
C PRO A 157 8.29 9.23 -35.22
N THR A 158 7.33 8.62 -35.92
CA THR A 158 7.16 7.17 -35.93
C THR A 158 5.83 6.75 -35.32
N GLU A 161 0.77 2.74 -38.36
CA GLU A 161 -0.15 1.70 -37.90
C GLU A 161 0.51 0.75 -36.89
N GLU A 162 0.99 1.32 -35.79
CA GLU A 162 1.62 0.55 -34.73
C GLU A 162 1.36 1.22 -33.38
N THR A 163 1.70 2.51 -33.32
CA THR A 163 1.47 3.33 -32.13
C THR A 163 -0.01 3.65 -31.88
N VAL A 164 -0.88 3.22 -32.78
CA VAL A 164 -2.33 3.36 -32.59
C VAL A 164 -2.88 2.54 -31.42
N GLN A 165 -2.27 1.38 -31.16
CA GLN A 165 -2.70 0.51 -30.04
C GLN A 165 -1.68 0.54 -28.90
N LYS A 166 -2.14 0.26 -27.68
CA LYS A 166 -1.32 0.49 -26.50
C LYS A 166 -0.04 -0.34 -26.44
N GLU A 167 -0.13 -1.62 -26.79
CA GLU A 167 1.03 -2.51 -26.82
C GLU A 167 2.08 -2.00 -27.84
N GLY A 168 1.60 -1.43 -28.94
CA GLY A 168 2.46 -0.78 -29.93
C GLY A 168 3.26 0.37 -29.35
N MET A 169 2.59 1.27 -28.64
CA MET A 169 3.24 2.40 -27.95
C MET A 169 4.31 1.92 -26.97
N ARG A 170 3.94 0.97 -26.11
CA ARG A 170 4.86 0.42 -25.13
C ARG A 170 6.17 -0.02 -25.79
N LYS A 171 6.05 -0.76 -26.89
CA LYS A 171 7.19 -1.35 -27.60
C LYS A 171 8.10 -0.32 -28.25
N GLN A 172 7.51 0.64 -28.96
CA GLN A 172 8.26 1.73 -29.58
C GLN A 172 8.99 2.55 -28.51
N GLY A 173 8.32 2.73 -27.37
CA GLY A 173 8.92 3.41 -26.23
C GLY A 173 10.12 2.64 -25.71
N LEU A 174 9.94 1.34 -25.51
CA LEU A 174 11.00 0.46 -25.03
C LEU A 174 12.15 0.36 -26.02
N PHE A 175 11.82 0.29 -27.31
CA PHE A 175 12.84 0.23 -28.36
C PHE A 175 13.72 1.47 -28.37
N GLN A 176 13.11 2.64 -28.27
CA GLN A 176 13.85 3.90 -28.24
C GLN A 176 14.78 3.97 -27.03
N TRP A 177 14.28 3.52 -25.87
CA TRP A 177 15.07 3.48 -24.65
C TRP A 177 16.30 2.58 -24.82
N LEU A 178 16.08 1.36 -25.33
CA LEU A 178 17.15 0.37 -25.46
C LEU A 178 18.21 0.72 -26.49
N ASP A 179 17.78 1.31 -27.62
CA ASP A 179 18.71 1.77 -28.64
C ASP A 179 19.62 2.86 -28.09
N SER A 180 19.08 3.69 -27.21
CA SER A 180 19.82 4.83 -26.65
C SER A 180 20.65 4.46 -25.42
N LEU A 181 20.45 3.26 -24.90
CA LEU A 181 21.21 2.79 -23.73
C LEU A 181 22.69 2.55 -24.02
N GLN A 182 23.54 3.23 -23.25
CA GLN A 182 24.98 2.99 -23.29
C GLN A 182 25.29 1.91 -22.26
N ILE A 183 25.62 0.72 -22.75
CA ILE A 183 25.78 -0.49 -21.92
C ILE A 183 27.21 -0.71 -21.42
N ASP A 184 28.16 -0.09 -22.13
CA ASP A 184 29.59 -0.22 -21.82
C ASP A 184 30.00 0.45 -20.50
N ASN A 185 29.15 1.32 -19.98
CA ASN A 185 29.41 2.01 -18.70
C ASN A 185 28.52 1.49 -17.57
N LEU A 186 29.13 0.81 -16.61
CA LEU A 186 28.43 0.18 -15.49
C LEU A 186 27.91 1.17 -14.44
N THR A 187 28.34 2.43 -14.54
CA THR A 187 27.98 3.48 -13.57
C THR A 187 26.80 4.34 -14.02
N SER A 188 26.29 4.11 -15.24
CA SER A 188 25.16 4.88 -15.77
C SER A 188 23.85 4.55 -15.05
N PRO A 189 23.26 5.57 -14.40
CA PRO A 189 21.99 5.40 -13.69
C PRO A 189 20.85 4.85 -14.56
N ASP A 190 20.79 5.26 -15.82
CA ASP A 190 19.78 4.71 -16.76
C ASP A 190 19.93 3.21 -16.97
N LEU A 191 21.17 2.76 -17.15
CA LEU A 191 21.49 1.33 -17.27
C LEU A 191 21.09 0.59 -16.01
N GLN A 192 21.50 1.10 -14.85
CA GLN A 192 21.16 0.51 -13.56
C GLN A 192 19.65 0.28 -13.41
N LEU A 193 18.86 1.30 -13.75
CA LEU A 193 17.41 1.22 -13.70
C LEU A 193 16.88 0.16 -14.64
N THR A 194 17.52 0.05 -15.81
CA THR A 194 17.09 -0.92 -16.82
C THR A 194 17.28 -2.34 -16.32
N VAL A 195 18.46 -2.58 -15.75
CA VAL A 195 18.80 -3.86 -15.15
C VAL A 195 17.89 -4.13 -13.96
N GLY A 196 17.60 -3.08 -13.18
CA GLY A 196 16.62 -3.16 -12.09
C GLY A 196 15.24 -3.59 -12.55
N ALA A 197 14.84 -3.14 -13.73
CA ALA A 197 13.56 -3.51 -14.34
C ALA A 197 13.55 -4.97 -14.85
N VAL A 198 14.69 -5.44 -15.34
CA VAL A 198 14.84 -6.85 -15.74
C VAL A 198 14.56 -7.76 -14.52
N ILE A 199 15.14 -7.44 -13.38
CA ILE A 199 14.97 -8.20 -12.15
C ILE A 199 13.52 -8.20 -11.65
N VAL A 200 12.87 -7.02 -11.72
CA VAL A 200 11.47 -6.89 -11.33
C VAL A 200 10.54 -7.72 -12.23
N GLU A 201 10.84 -7.81 -13.53
CA GLU A 201 10.09 -8.71 -14.42
C GLU A 201 10.15 -10.15 -13.88
N GLU A 202 11.33 -10.52 -13.37
CA GLU A 202 11.56 -11.87 -12.84
C GLU A 202 10.88 -12.07 -11.49
N MET A 203 10.92 -11.02 -10.66
CA MET A 203 10.22 -11.03 -9.37
C MET A 203 8.73 -11.18 -9.63
N ARG A 204 8.21 -10.43 -10.60
CA ARG A 204 6.79 -10.47 -10.92
C ARG A 204 6.37 -11.80 -11.54
N ALA A 205 7.21 -12.34 -12.43
CA ALA A 205 6.97 -13.68 -12.99
C ALA A 205 6.96 -14.75 -11.90
N ALA A 206 7.91 -14.66 -10.97
CA ALA A 206 7.97 -15.58 -9.82
C ALA A 206 6.70 -15.49 -8.96
N ILE A 207 6.26 -14.27 -8.65
CA ILE A 207 5.04 -14.06 -7.86
C ILE A 207 3.84 -14.69 -8.55
N GLU A 208 3.66 -14.39 -9.84
CA GLU A 208 2.56 -14.99 -10.60
C GLU A 208 2.67 -16.51 -10.68
N ARG A 209 3.87 -17.04 -10.93
CA ARG A 209 4.04 -18.51 -10.99
C ARG A 209 3.69 -19.18 -9.65
N GLU A 210 4.19 -18.63 -8.56
CA GLU A 210 4.11 -19.30 -7.26
C GLU A 210 2.83 -19.03 -6.46
N THR A 211 2.07 -17.99 -6.84
CA THR A 211 0.82 -17.66 -6.13
C THR A 211 -0.38 -17.52 -7.06
N GLY A 212 -0.11 -17.20 -8.33
CA GLY A 212 -1.18 -16.92 -9.28
C GLY A 212 -1.69 -15.49 -9.23
N PHE A 213 -1.10 -14.66 -8.38
CA PHE A 213 -1.52 -13.26 -8.30
C PHE A 213 -0.71 -12.43 -9.27
N GLN A 214 -1.36 -11.45 -9.89
CA GLN A 214 -0.67 -10.49 -10.74
C GLN A 214 -0.42 -9.18 -9.98
N CYS A 215 0.58 -8.43 -10.42
CA CYS A 215 0.91 -7.17 -9.79
C CYS A 215 1.46 -6.16 -10.78
N SER A 216 1.48 -4.90 -10.34
CA SER A 216 2.17 -3.84 -11.06
C SER A 216 3.41 -3.44 -10.26
N ALA A 217 4.33 -2.74 -10.90
CA ALA A 217 5.57 -2.30 -10.24
C ALA A 217 6.10 -1.02 -10.84
N GLY A 218 6.76 -0.22 -10.00
CA GLY A 218 7.48 0.97 -10.48
C GLY A 218 8.95 0.81 -10.18
N ILE A 219 9.79 1.24 -11.11
CA ILE A 219 11.24 1.19 -10.92
C ILE A 219 11.81 2.59 -11.10
N SER A 220 12.49 3.08 -10.06
CA SER A 220 13.14 4.40 -10.10
C SER A 220 14.33 4.49 -9.13
N HIS A 221 14.69 5.72 -8.75
CA HIS A 221 15.85 5.96 -7.91
C HIS A 221 15.54 6.12 -6.41
N ASN A 222 14.25 6.22 -6.10
CA ASN A 222 13.78 6.38 -4.72
C ASN A 222 12.36 5.84 -4.57
N LYS A 223 11.90 5.75 -3.32
CA LYS A 223 10.59 5.19 -2.98
C LYS A 223 9.40 5.94 -3.57
N VAL A 224 9.41 7.26 -3.48
CA VAL A 224 8.30 8.07 -3.98
C VAL A 224 8.15 7.98 -5.50
N LEU A 225 9.26 8.01 -6.23
CA LEU A 225 9.18 7.90 -7.68
C LEU A 225 8.79 6.48 -8.10
N ALA A 226 9.29 5.49 -7.35
CA ALA A 226 8.91 4.09 -7.56
C ALA A 226 7.41 3.90 -7.39
N LYS A 227 6.86 4.52 -6.35
CA LYS A 227 5.43 4.42 -6.03
C LYS A 227 4.59 5.15 -7.09
N LEU A 228 5.05 6.34 -7.50
CA LEU A 228 4.38 7.07 -8.58
C LEU A 228 4.41 6.29 -9.89
N ALA A 229 5.60 5.79 -10.24
CA ALA A 229 5.81 4.98 -11.45
C ALA A 229 4.85 3.79 -11.54
N CYS A 230 4.66 3.10 -10.42
CA CYS A 230 3.84 1.89 -10.36
C CYS A 230 2.38 2.12 -10.77
N GLY A 231 1.82 3.26 -10.37
CA GLY A 231 0.44 3.59 -10.72
C GLY A 231 0.21 4.13 -12.13
N LEU A 232 1.28 4.26 -12.92
CA LEU A 232 1.15 4.86 -14.25
C LEU A 232 0.61 3.90 -15.32
N ASN A 233 0.83 2.60 -15.12
CA ASN A 233 0.38 1.58 -16.07
C ASN A 233 -0.10 0.32 -15.35
N LYS A 234 -1.35 0.36 -14.91
CA LYS A 234 -1.96 -0.77 -14.23
C LYS A 234 -3.10 -1.27 -15.10
N PRO A 235 -3.53 -2.53 -14.93
CA PRO A 235 -2.96 -3.61 -14.12
C PRO A 235 -1.89 -4.40 -14.86
N ASN A 236 -1.16 -5.24 -14.12
CA ASN A 236 -0.22 -6.23 -14.69
C ASN A 236 0.89 -5.68 -15.59
N ARG A 237 1.43 -4.51 -15.24
CA ARG A 237 2.50 -3.89 -16.02
C ARG A 237 3.46 -3.17 -15.08
N GLN A 238 4.67 -2.89 -15.56
CA GLN A 238 5.63 -2.17 -14.73
C GLN A 238 6.16 -0.96 -15.48
N THR A 239 6.51 0.08 -14.73
CA THR A 239 6.95 1.33 -15.32
C THR A 239 8.32 1.78 -14.78
N LEU A 240 9.19 2.14 -15.70
CA LEU A 240 10.48 2.72 -15.38
C LEU A 240 10.35 4.24 -15.48
N VAL A 241 10.60 4.92 -14.36
CA VAL A 241 10.68 6.36 -14.33
C VAL A 241 12.13 6.76 -14.08
N SER A 242 12.81 7.20 -15.13
CA SER A 242 14.20 7.62 -15.04
C SER A 242 14.30 9.02 -14.46
N HIS A 243 15.51 9.41 -14.04
CA HIS A 243 15.73 10.76 -13.53
C HIS A 243 15.38 11.82 -14.58
N GLY A 244 15.72 11.56 -15.84
CA GLY A 244 15.47 12.49 -16.94
C GLY A 244 14.00 12.70 -17.28
N SER A 245 13.15 11.75 -16.90
CA SER A 245 11.73 11.83 -17.23
C SER A 245 10.96 12.77 -16.32
N VAL A 246 11.55 13.11 -15.17
CA VAL A 246 10.90 13.86 -14.11
C VAL A 246 10.34 15.25 -14.51
N PRO A 247 11.17 16.12 -15.13
CA PRO A 247 10.63 17.45 -15.49
C PRO A 247 9.33 17.46 -16.30
N GLN A 248 9.24 16.67 -17.38
CA GLN A 248 7.99 16.59 -18.16
C GLN A 248 6.89 15.91 -17.38
N LEU A 249 7.21 14.79 -16.73
CA LEU A 249 6.26 14.08 -15.88
C LEU A 249 5.69 14.99 -14.79
N PHE A 250 6.56 15.73 -14.12
CA PHE A 250 6.14 16.62 -13.03
C PHE A 250 5.41 17.88 -13.45
N SER A 251 5.54 18.26 -14.72
CA SER A 251 5.00 19.53 -15.23
C SER A 251 3.46 19.59 -15.25
N GLN A 252 2.83 18.43 -15.32
CA GLN A 252 1.37 18.33 -15.31
C GLN A 252 0.89 17.33 -14.25
N MET A 253 1.74 17.11 -13.25
CA MET A 253 1.44 16.14 -12.21
C MET A 253 0.81 16.86 -11.02
N PRO A 254 -0.50 16.64 -10.79
CA PRO A 254 -1.14 17.24 -9.62
C PRO A 254 -0.41 16.85 -8.35
N ILE A 255 -0.13 17.84 -7.52
CA ILE A 255 0.59 17.67 -6.26
C ILE A 255 0.07 16.48 -5.42
N ARG A 256 -1.26 16.33 -5.36
CA ARG A 256 -1.94 15.32 -4.53
C ARG A 256 -1.64 13.87 -4.92
N LYS A 257 -1.02 13.67 -6.09
CA LYS A 257 -0.70 12.33 -6.60
C LYS A 257 0.60 11.76 -6.04
N ILE A 258 1.37 12.62 -5.37
CA ILE A 258 2.64 12.19 -4.80
C ILE A 258 2.42 11.69 -3.35
N ARG A 259 2.96 10.52 -3.05
CA ARG A 259 2.85 9.86 -1.74
C ARG A 259 3.17 10.80 -0.57
N SER A 260 2.18 11.00 0.30
CA SER A 260 2.21 11.88 1.50
C SER A 260 1.70 13.29 1.23
N LEU A 261 1.39 13.60 -0.03
CA LEU A 261 0.82 14.90 -0.38
C LEU A 261 -0.67 14.82 -0.69
N GLY A 262 -1.26 13.64 -0.45
CA GLY A 262 -2.67 13.41 -0.74
C GLY A 262 -3.65 14.01 0.28
N GLY A 263 -3.11 14.58 1.36
CA GLY A 263 -3.97 15.12 2.42
C GLY A 263 -3.83 16.62 2.67
N LYS A 264 -3.85 16.99 3.95
CA LYS A 264 -3.82 18.39 4.38
C LYS A 264 -2.54 19.15 3.96
N LEU A 265 -1.38 18.52 4.07
CA LEU A 265 -0.12 19.13 3.64
C LEU A 265 -0.14 19.48 2.16
N GLY A 266 -0.57 18.53 1.32
CA GLY A 266 -0.70 18.77 -0.11
C GLY A 266 -1.65 19.92 -0.40
N ALA A 267 -2.76 19.96 0.34
CA ALA A 267 -3.73 21.04 0.24
C ALA A 267 -3.11 22.39 0.57
N SER A 268 -2.27 22.43 1.61
CA SER A 268 -1.60 23.68 2.01
C SER A 268 -0.55 24.16 1.00
N VAL A 269 0.14 23.23 0.34
CA VAL A 269 1.10 23.57 -0.71
C VAL A 269 0.37 24.29 -1.85
N ILE A 270 -0.74 23.70 -2.30
CA ILE A 270 -1.58 24.26 -3.34
C ILE A 270 -2.09 25.63 -2.95
N GLU A 271 -2.61 25.74 -1.72
CA GLU A 271 -3.26 26.94 -1.23
C GLU A 271 -2.28 28.08 -0.95
N ILE A 272 -1.18 27.79 -0.26
CA ILE A 272 -0.23 28.83 0.12
C ILE A 272 0.59 29.33 -1.07
N LEU A 273 1.06 28.42 -1.90
CA LEU A 273 1.96 28.79 -3.00
C LEU A 273 1.26 29.25 -4.28
N GLY A 274 -0.02 28.90 -4.41
CA GLY A 274 -0.82 29.24 -5.59
C GLY A 274 -0.43 28.42 -6.81
N ILE A 275 -0.15 27.14 -6.59
CA ILE A 275 0.26 26.24 -7.66
C ILE A 275 -0.64 25.01 -7.76
N GLU A 276 -0.50 24.28 -8.87
CA GLU A 276 -1.28 23.09 -9.15
C GLU A 276 -0.40 21.84 -9.25
N TYR A 277 0.80 22.03 -9.82
CA TYR A 277 1.59 20.89 -10.30
C TYR A 277 2.90 20.73 -9.55
N MET A 278 3.35 19.48 -9.47
CA MET A 278 4.58 19.17 -8.76
C MET A 278 5.78 19.95 -9.30
N GLY A 279 5.89 20.04 -10.63
CA GLY A 279 6.97 20.78 -11.28
C GLY A 279 7.12 22.23 -10.81
N GLU A 280 5.98 22.91 -10.65
CA GLU A 280 5.96 24.31 -10.24
C GLU A 280 6.69 24.59 -8.93
N LEU A 281 6.93 23.55 -8.14
CA LEU A 281 7.66 23.67 -6.88
C LEU A 281 9.11 24.11 -7.03
N THR A 282 9.70 23.88 -8.21
CA THR A 282 11.11 24.21 -8.49
C THR A 282 11.42 25.70 -8.43
N GLN A 283 10.41 26.54 -8.59
CA GLN A 283 10.65 27.98 -8.63
C GLN A 283 10.86 28.64 -7.24
N PHE A 284 10.77 27.83 -6.18
CA PHE A 284 10.90 28.31 -4.79
C PHE A 284 12.20 27.83 -4.16
N THR A 285 12.83 28.69 -3.37
CA THR A 285 14.08 28.33 -2.70
C THR A 285 13.79 27.38 -1.55
N GLU A 286 14.81 26.63 -1.13
CA GLU A 286 14.64 25.71 -0.01
C GLU A 286 14.17 26.46 1.24
N SER A 287 14.75 27.63 1.49
CA SER A 287 14.37 28.45 2.63
C SER A 287 12.91 28.93 2.56
N GLN A 288 12.44 29.23 1.35
CA GLN A 288 11.05 29.63 1.15
C GLN A 288 10.07 28.50 1.48
N LEU A 289 10.39 27.30 1.01
CA LEU A 289 9.58 26.13 1.32
C LEU A 289 9.64 25.77 2.81
N GLN A 290 10.84 25.89 3.39
CA GLN A 290 11.02 25.66 4.83
C GLN A 290 10.21 26.62 5.70
N SER A 291 10.11 27.87 5.25
CA SER A 291 9.35 28.87 6.00
C SER A 291 7.84 28.59 6.00
N HIS A 292 7.36 27.93 4.94
CA HIS A 292 5.93 27.64 4.83
C HIS A 292 5.52 26.32 5.48
N PHE A 293 6.32 25.28 5.31
CA PHE A 293 5.92 23.93 5.69
C PHE A 293 6.86 23.29 6.71
N GLY A 294 7.73 24.09 7.30
CA GLY A 294 8.69 23.58 8.27
C GLY A 294 9.96 23.05 7.63
N GLU A 295 11.00 22.95 8.45
CA GLU A 295 12.35 22.55 8.02
C GLU A 295 12.40 21.22 7.26
N LYS A 296 11.72 20.20 7.78
CA LYS A 296 11.80 18.84 7.26
C LYS A 296 10.99 18.69 5.97
N ASN A 297 9.72 19.08 6.00
CA ASN A 297 8.87 19.09 4.82
C ASN A 297 9.42 19.99 3.72
N GLY A 298 9.97 21.14 4.12
CA GLY A 298 10.49 22.13 3.19
C GLY A 298 11.67 21.59 2.40
N SER A 299 12.60 20.97 3.11
CA SER A 299 13.76 20.31 2.50
C SER A 299 13.35 19.13 1.63
N TRP A 300 12.37 18.39 2.12
CA TRP A 300 11.86 17.22 1.42
C TRP A 300 11.24 17.63 0.09
N LEU A 301 10.45 18.71 0.10
CA LEU A 301 9.79 19.23 -1.10
C LEU A 301 10.78 19.79 -2.11
N TYR A 302 11.77 20.53 -1.63
CA TYR A 302 12.80 21.12 -2.49
C TYR A 302 13.48 20.04 -3.35
N ALA A 303 13.86 18.95 -2.70
CA ALA A 303 14.51 17.85 -3.41
C ALA A 303 13.50 17.03 -4.23
N MET A 304 12.33 16.74 -3.64
CA MET A 304 11.33 15.89 -4.30
C MET A 304 10.85 16.40 -5.66
N CYS A 305 10.54 17.69 -5.75
CA CYS A 305 10.10 18.28 -7.01
C CYS A 305 11.17 18.23 -8.11
N ARG A 306 12.39 17.84 -7.73
CA ARG A 306 13.49 17.60 -8.66
C ARG A 306 13.78 16.10 -8.80
N GLY A 307 12.87 15.29 -8.25
CA GLY A 307 12.96 13.83 -8.35
C GLY A 307 13.99 13.21 -7.44
N ILE A 308 14.39 13.92 -6.39
CA ILE A 308 15.40 13.43 -5.46
C ILE A 308 14.75 13.19 -4.11
N GLU A 309 14.98 12.00 -3.56
CA GLU A 309 14.51 11.65 -2.22
C GLU A 309 15.49 10.66 -1.60
N HIS A 310 15.68 10.74 -0.29
CA HIS A 310 16.69 9.91 0.39
C HIS A 310 16.14 8.89 1.41
N ASP A 311 14.82 8.81 1.55
CA ASP A 311 14.21 7.87 2.52
C ASP A 311 14.60 6.42 2.17
N PRO A 312 15.30 5.75 3.10
CA PRO A 312 15.79 4.40 2.77
C PRO A 312 14.69 3.34 2.78
N VAL A 313 14.89 2.29 1.98
CA VAL A 313 14.08 1.09 2.07
C VAL A 313 14.48 0.41 3.38
N LYS A 314 13.57 0.40 4.34
CA LYS A 314 13.85 -0.15 5.67
C LYS A 314 13.73 -1.67 5.65
N PRO A 315 14.71 -2.38 6.23
CA PRO A 315 14.65 -3.83 6.22
C PRO A 315 13.67 -4.35 7.29
N ARG A 316 12.44 -4.58 6.87
CA ARG A 316 11.35 -4.98 7.76
C ARG A 316 10.28 -5.64 6.93
N GLN A 317 9.96 -6.89 7.22
CA GLN A 317 8.85 -7.54 6.53
C GLN A 317 7.74 -8.02 7.45
N LEU A 318 7.94 -7.82 8.76
CA LEU A 318 6.92 -8.12 9.74
C LEU A 318 6.25 -6.83 10.19
N PRO A 319 4.93 -6.86 10.44
CA PRO A 319 4.24 -5.70 11.02
C PRO A 319 4.78 -5.36 12.41
N LYS A 320 4.78 -4.08 12.76
CA LYS A 320 5.23 -3.61 14.08
C LYS A 320 4.12 -3.64 15.13
N THR A 321 2.88 -3.73 14.67
CA THR A 321 1.72 -3.72 15.54
C THR A 321 0.72 -4.74 15.01
N ILE A 322 -0.03 -5.36 15.92
CA ILE A 322 -1.08 -6.30 15.57
C ILE A 322 -2.33 -5.87 16.33
N GLY A 323 -3.36 -5.47 15.60
CA GLY A 323 -4.57 -4.95 16.22
C GLY A 323 -5.85 -5.41 15.54
N CYS A 324 -6.96 -5.24 16.25
CA CYS A 324 -8.29 -5.45 15.65
C CYS A 324 -9.35 -4.56 16.29
N SER A 325 -10.34 -4.19 15.48
CA SER A 325 -11.29 -3.16 15.87
C SER A 325 -12.68 -3.39 15.30
N LYS A 326 -13.66 -2.74 15.93
CA LYS A 326 -15.01 -2.68 15.38
C LYS A 326 -15.64 -1.30 15.60
N ASN A 327 -16.34 -0.82 14.58
CA ASN A 327 -17.13 0.41 14.66
C ASN A 327 -18.54 0.06 15.07
N PHE A 328 -19.15 0.94 15.87
CA PHE A 328 -20.52 0.79 16.31
C PHE A 328 -21.25 2.09 16.03
N PRO A 329 -21.64 2.29 14.76
CA PRO A 329 -22.17 3.57 14.28
C PRO A 329 -23.60 3.85 14.74
N GLY A 330 -23.96 5.13 14.81
CA GLY A 330 -25.32 5.56 15.12
C GLY A 330 -25.97 4.83 16.29
N LYS A 331 -27.11 4.20 16.01
CA LYS A 331 -27.95 3.58 17.04
C LYS A 331 -27.43 2.23 17.57
N THR A 332 -26.36 1.73 16.98
CA THR A 332 -25.73 0.47 17.44
C THR A 332 -24.68 0.72 18.53
N ALA A 333 -24.38 1.99 18.79
CA ALA A 333 -23.38 2.38 19.78
C ALA A 333 -23.59 1.66 21.11
N LEU A 334 -22.47 1.22 21.70
CA LEU A 334 -22.53 0.38 22.90
C LEU A 334 -22.88 1.19 24.13
N ALA A 335 -23.97 0.78 24.80
CA ALA A 335 -24.61 1.60 25.82
C ALA A 335 -24.64 0.93 27.20
N THR A 336 -24.19 -0.32 27.27
CA THR A 336 -24.13 -1.03 28.55
C THR A 336 -22.74 -1.59 28.84
N ARG A 337 -22.45 -1.76 30.13
CA ARG A 337 -21.21 -2.34 30.60
C ARG A 337 -20.98 -3.73 29.99
N GLU A 338 -22.05 -4.52 29.92
CA GLU A 338 -21.98 -5.91 29.44
C GLU A 338 -21.82 -6.01 27.92
N GLN A 339 -22.36 -5.05 27.18
CA GLN A 339 -22.11 -4.93 25.75
C GLN A 339 -20.64 -4.62 25.46
N VAL A 340 -20.08 -3.70 26.25
CA VAL A 340 -18.69 -3.28 26.10
C VAL A 340 -17.73 -4.43 26.43
N GLN A 341 -18.01 -5.15 27.52
CA GLN A 341 -17.22 -6.31 27.93
C GLN A 341 -17.30 -7.47 26.92
N TRP A 342 -18.47 -7.66 26.30
CA TRP A 342 -18.65 -8.71 25.30
C TRP A 342 -17.81 -8.50 24.04
N TRP A 343 -17.83 -7.29 23.50
CA TRP A 343 -17.06 -6.98 22.30
C TRP A 343 -15.55 -6.93 22.57
N LEU A 344 -15.17 -6.47 23.76
CA LEU A 344 -13.76 -6.46 24.15
C LEU A 344 -13.22 -7.89 24.18
N LEU A 345 -14.04 -8.83 24.66
CA LEU A 345 -13.70 -10.24 24.66
C LEU A 345 -13.56 -10.83 23.25
N GLN A 346 -14.44 -10.45 22.33
CA GLN A 346 -14.37 -10.95 20.95
C GLN A 346 -13.07 -10.50 20.30
N LEU A 347 -12.76 -9.22 20.46
CA LEU A 347 -11.57 -8.61 19.87
C LEU A 347 -10.30 -9.22 20.49
N ALA A 348 -10.33 -9.39 21.80
CA ALA A 348 -9.23 -9.99 22.56
C ALA A 348 -8.97 -11.43 22.11
N GLN A 349 -10.04 -12.18 21.89
CA GLN A 349 -9.94 -13.58 21.44
C GLN A 349 -9.29 -13.70 20.04
N GLU A 350 -9.70 -12.84 19.11
CA GLU A 350 -9.06 -12.81 17.80
C GLU A 350 -7.62 -12.35 17.94
N LEU A 351 -7.39 -11.34 18.77
CA LEU A 351 -6.03 -10.86 19.02
C LEU A 351 -5.13 -11.98 19.57
N GLU A 352 -5.61 -12.69 20.60
CA GLU A 352 -4.88 -13.82 21.20
C GLU A 352 -4.42 -14.83 20.14
N GLU A 353 -5.35 -15.24 19.26
CA GLU A 353 -5.02 -16.20 18.20
C GLU A 353 -3.95 -15.69 17.26
N ARG A 354 -4.03 -14.42 16.88
CA ARG A 354 -3.09 -13.82 15.96
C ARG A 354 -1.72 -13.59 16.61
N LEU A 355 -1.74 -13.21 17.89
CA LEU A 355 -0.53 -13.07 18.69
C LEU A 355 0.19 -14.41 18.88
N THR A 356 -0.56 -15.45 19.23
CA THR A 356 0.00 -16.78 19.46
C THR A 356 0.68 -17.31 18.20
N LYS A 357 -0.03 -17.21 17.07
CA LYS A 357 0.53 -17.52 15.76
C LYS A 357 1.81 -16.72 15.51
N ASP A 358 1.75 -15.41 15.78
CA ASP A 358 2.90 -14.52 15.57
C ASP A 358 4.10 -14.93 16.43
N ARG A 359 3.83 -15.39 17.65
CA ARG A 359 4.89 -15.82 18.56
C ARG A 359 5.63 -17.05 18.02
N ASN A 360 4.86 -18.04 17.57
CA ASN A 360 5.43 -19.27 17.01
C ASN A 360 6.12 -19.05 15.66
N ASP A 361 5.52 -18.21 14.81
CA ASP A 361 6.08 -17.92 13.48
C ASP A 361 7.39 -17.14 13.56
N ASN A 362 7.40 -16.10 14.40
CA ASN A 362 8.43 -15.05 14.29
C ASN A 362 9.30 -14.82 15.53
N ASP A 363 9.17 -15.70 16.52
CA ASP A 363 10.02 -15.68 17.72
C ASP A 363 10.04 -14.29 18.37
N ARG A 364 8.87 -13.83 18.80
CA ARG A 364 8.73 -12.52 19.42
C ARG A 364 7.43 -12.38 20.18
N VAL A 365 7.44 -11.53 21.20
CA VAL A 365 6.25 -11.24 22.01
C VAL A 365 5.95 -9.74 22.07
N ALA A 366 4.66 -9.39 22.00
CA ALA A 366 4.22 -8.04 22.28
C ALA A 366 4.21 -7.81 23.78
N THR A 367 4.62 -6.62 24.21
CA THR A 367 4.70 -6.31 25.63
C THR A 367 3.77 -5.17 26.08
N GLN A 368 3.08 -4.54 25.12
CA GLN A 368 2.14 -3.46 25.43
C GLN A 368 0.80 -3.64 24.72
N LEU A 369 -0.27 -3.42 25.46
CA LEU A 369 -1.61 -3.38 24.88
C LEU A 369 -2.09 -1.94 24.86
N VAL A 370 -2.47 -1.48 23.67
CA VAL A 370 -3.08 -0.17 23.49
C VAL A 370 -4.58 -0.37 23.26
N VAL A 371 -5.38 0.37 24.01
CA VAL A 371 -6.82 0.32 23.88
C VAL A 371 -7.33 1.71 23.51
N SER A 372 -8.10 1.77 22.43
CA SER A 372 -8.61 3.01 21.91
C SER A 372 -10.12 2.94 21.77
N ILE A 373 -10.78 4.05 22.06
CA ILE A 373 -12.23 4.12 21.97
C ILE A 373 -12.70 5.42 21.32
N ARG A 374 -13.93 5.40 20.81
CA ARG A 374 -14.62 6.61 20.39
C ARG A 374 -15.96 6.70 21.10
N VAL A 375 -16.33 7.91 21.49
CA VAL A 375 -17.63 8.16 22.10
C VAL A 375 -18.56 8.83 21.09
N GLN A 376 -19.86 8.57 21.24
CA GLN A 376 -20.87 9.12 20.33
C GLN A 376 -20.86 10.64 20.36
N GLY A 377 -20.86 11.25 19.17
CA GLY A 377 -20.94 12.71 19.05
C GLY A 377 -19.59 13.40 19.15
N ASP A 378 -18.51 12.64 18.97
CA ASP A 378 -17.17 13.19 18.92
C ASP A 378 -16.68 13.18 17.48
N LYS A 379 -16.32 14.37 16.98
CA LYS A 379 -15.82 14.51 15.61
C LYS A 379 -14.55 13.68 15.38
N ARG A 380 -13.63 13.75 16.33
CA ARG A 380 -12.32 13.08 16.25
C ARG A 380 -12.43 11.56 16.06
N LEU A 381 -11.47 10.99 15.34
CA LEU A 381 -11.46 9.56 15.01
C LEU A 381 -11.18 8.70 16.23
N SER A 382 -10.52 9.27 17.23
CA SER A 382 -10.33 8.62 18.52
C SER A 382 -10.70 9.58 19.64
N SER A 383 -11.36 9.05 20.67
CA SER A 383 -11.74 9.84 21.84
C SER A 383 -10.78 9.62 23.00
N LEU A 384 -10.03 8.51 22.95
CA LEU A 384 -9.13 8.12 24.04
C LEU A 384 -8.28 6.90 23.68
N ARG A 385 -6.97 7.06 23.79
CA ARG A 385 -6.02 5.95 23.69
C ARG A 385 -5.35 5.80 25.05
N ARG A 386 -5.33 4.56 25.55
CA ARG A 386 -4.66 4.24 26.80
C ARG A 386 -3.86 2.96 26.61
N CYS A 387 -2.74 2.85 27.32
CA CYS A 387 -1.90 1.67 27.20
C CYS A 387 -1.73 0.96 28.54
N CYS A 388 -1.49 -0.35 28.46
CA CYS A 388 -1.10 -1.13 29.64
C CYS A 388 -0.12 -2.22 29.25
N ALA A 389 0.48 -2.87 30.24
CA ALA A 389 1.37 -4.00 29.98
C ALA A 389 0.61 -5.17 29.38
N LEU A 390 1.24 -5.85 28.42
CA LEU A 390 0.73 -7.10 27.87
C LEU A 390 1.69 -8.20 28.32
N THR A 391 1.29 -8.95 29.34
CA THR A 391 2.18 -9.93 29.97
C THR A 391 1.84 -11.38 29.60
N ARG A 392 0.57 -11.65 29.31
CA ARG A 392 0.14 -12.99 28.88
C ARG A 392 -0.81 -12.93 27.69
N TYR A 393 -0.60 -13.82 26.73
CA TYR A 393 -1.48 -13.96 25.58
C TYR A 393 -2.73 -14.72 26.03
N ASP A 394 -3.65 -13.99 26.63
CA ASP A 394 -4.82 -14.56 27.28
C ASP A 394 -5.95 -13.58 27.07
N ALA A 395 -6.94 -13.99 26.27
CA ALA A 395 -8.05 -13.13 25.87
C ALA A 395 -8.81 -12.56 27.06
N HIS A 396 -9.13 -13.42 28.02
CA HIS A 396 -9.84 -12.99 29.23
C HIS A 396 -9.10 -11.91 30.00
N LYS A 397 -7.79 -12.08 30.14
CA LYS A 397 -6.95 -11.08 30.82
C LYS A 397 -6.89 -9.77 30.05
N MET A 398 -6.65 -9.87 28.74
CA MET A 398 -6.52 -8.70 27.88
C MET A 398 -7.82 -7.90 27.80
N SER A 399 -8.95 -8.60 27.76
CA SER A 399 -10.26 -7.96 27.71
C SER A 399 -10.61 -7.29 29.04
N HIS A 400 -10.28 -7.94 30.15
CA HIS A 400 -10.51 -7.37 31.47
C HIS A 400 -9.62 -6.15 31.74
N ASP A 401 -8.35 -6.22 31.31
CA ASP A 401 -7.42 -5.11 31.47
C ASP A 401 -7.81 -3.93 30.61
N ALA A 402 -8.30 -4.21 29.40
CA ALA A 402 -8.83 -3.21 28.47
C ALA A 402 -10.01 -2.47 29.09
N PHE A 403 -10.88 -3.22 29.77
CA PHE A 403 -12.02 -2.62 30.43
C PHE A 403 -11.60 -1.74 31.60
N THR A 404 -10.61 -2.20 32.37
CA THR A 404 -10.12 -1.45 33.53
C THR A 404 -9.71 -0.02 33.14
N VAL A 405 -8.83 0.09 32.13
CA VAL A 405 -8.25 1.38 31.74
C VAL A 405 -9.22 2.36 31.07
N ILE A 406 -10.33 1.85 30.55
CA ILE A 406 -11.34 2.70 29.93
C ILE A 406 -12.58 2.92 30.79
N LYS A 407 -12.76 2.08 31.82
CA LYS A 407 -13.91 2.14 32.74
C LYS A 407 -14.23 3.56 33.24
N ASN A 408 -13.20 4.38 33.41
CA ASN A 408 -13.31 5.77 33.86
C ASN A 408 -14.03 6.74 32.91
N MET A 409 -14.21 6.33 31.65
CA MET A 409 -14.90 7.15 30.65
C MET A 409 -16.41 7.21 30.82
N ASN A 410 -16.96 6.22 31.52
CA ASN A 410 -18.38 6.15 31.85
C ASN A 410 -18.76 7.22 32.87
N THR A 411 -19.83 7.96 32.58
CA THR A 411 -20.30 9.04 33.46
C THR A 411 -21.79 8.90 33.81
N SER A 412 -22.30 7.67 33.80
CA SER A 412 -23.73 7.41 33.98
C SER A 412 -24.17 7.57 35.45
N THR A 416 -26.27 -0.75 35.09
CA THR A 416 -24.91 -0.62 34.60
C THR A 416 -24.86 -0.08 33.17
N GLU A 417 -25.37 1.14 33.00
CA GLU A 417 -25.39 1.82 31.70
C GLU A 417 -24.05 2.48 31.37
N TRP A 418 -23.79 2.66 30.08
CA TRP A 418 -22.60 3.37 29.60
C TRP A 418 -22.98 4.63 28.85
N SER A 419 -22.42 5.76 29.27
CA SER A 419 -22.70 7.05 28.65
C SER A 419 -21.46 7.95 28.71
N PRO A 420 -21.15 8.65 27.59
CA PRO A 420 -21.88 8.55 26.33
C PRO A 420 -21.58 7.20 25.65
N PRO A 421 -22.49 6.71 24.79
CA PRO A 421 -22.31 5.40 24.14
C PRO A 421 -21.03 5.31 23.33
N LEU A 422 -20.48 4.10 23.22
CA LEU A 422 -19.23 3.90 22.50
C LEU A 422 -19.46 3.49 21.05
N THR A 423 -18.85 4.25 20.14
CA THR A 423 -19.01 4.01 18.70
C THR A 423 -17.84 3.24 18.07
N MET A 424 -16.82 2.92 18.87
CA MET A 424 -15.59 2.31 18.35
C MET A 424 -14.77 1.65 19.46
N LEU A 425 -14.30 0.43 19.19
CA LEU A 425 -13.34 -0.25 20.06
C LEU A 425 -12.14 -0.70 19.26
N PHE A 426 -10.95 -0.52 19.84
CA PHE A 426 -9.70 -0.89 19.18
C PHE A 426 -8.70 -1.44 20.20
N LEU A 427 -8.29 -2.69 19.99
CA LEU A 427 -7.22 -3.31 20.76
C LEU A 427 -6.03 -3.51 19.86
N CYS A 428 -4.87 -3.06 20.30
CA CYS A 428 -3.65 -3.15 19.50
C CYS A 428 -2.44 -3.56 20.34
N ALA A 429 -1.80 -4.66 19.94
CA ALA A 429 -0.57 -5.14 20.58
C ALA A 429 0.65 -4.54 19.90
N THR A 430 1.54 -3.98 20.71
CA THR A 430 2.72 -3.25 20.21
C THR A 430 3.94 -3.56 21.09
N LYS A 431 5.08 -2.95 20.75
CA LYS A 431 6.32 -3.07 21.52
C LYS A 431 6.85 -4.51 21.59
N PHE A 432 7.00 -5.11 20.42
CA PHE A 432 7.55 -6.46 20.29
C PHE A 432 9.01 -6.52 20.71
N SER A 433 9.36 -7.60 21.40
CA SER A 433 10.76 -7.89 21.72
C SER A 433 11.00 -9.39 21.49
N ALA A 434 12.25 -9.76 21.23
CA ALA A 434 12.62 -11.14 20.94
C ALA A 434 12.23 -12.10 22.06
N SER A 435 11.64 -13.23 21.71
CA SER A 435 11.33 -14.28 22.66
C SER A 435 12.18 -15.52 22.35
N1 DCP D . -7.92 -1.91 1.34
C2 DCP D . -9.03 -1.62 2.19
N3 DCP D . -9.43 -0.34 2.37
C4 DCP D . -8.78 0.68 1.75
C5 DCP D . -7.70 0.43 0.92
C6 DCP D . -7.29 -0.89 0.73
O2 DCP D . -9.64 -2.54 2.77
N4 DCP D . -9.18 1.97 1.94
C1' DCP D . -7.48 -3.30 1.12
C2' DCP D . -8.24 -3.95 -0.03
C3' DCP D . -7.26 -3.90 -1.19
C4' DCP D . -5.90 -3.95 -0.52
O4' DCP D . -6.10 -3.30 0.74
O3' DCP D . -7.43 -4.96 -2.14
C5' DCP D . -4.84 -3.23 -1.31
O5' DCP D . -5.21 -1.86 -1.45
PA DCP D . -4.86 -1.03 -2.78
O1A DCP D . -3.54 -1.52 -3.33
O2A DCP D . -5.03 0.43 -2.44
O3A DCP D . -6.04 -1.38 -3.82
PB DCP D . -6.20 -2.72 -4.70
O1B DCP D . -5.00 -3.63 -4.63
O2B DCP D . -7.54 -3.29 -4.33
O3B DCP D . -6.30 -2.09 -6.19
PG DCP D . -5.05 -1.63 -7.11
O1G DCP D . -3.83 -1.65 -6.22
O2G DCP D . -5.47 -0.24 -7.57
O3G DCP D . -5.04 -2.66 -8.21
MG MG E . -2.82 -2.98 -4.79
PT1 CPT F . -13.53 4.43 5.98
N1 CPT F . -13.41 6.42 5.83
N2 CPT F . -11.82 4.47 6.95
#